data_1ASE
#
_entry.id   1ASE
#
_cell.length_a   157.500
_cell.length_b   84.800
_cell.length_c   78.200
_cell.angle_alpha   90.00
_cell.angle_beta   90.00
_cell.angle_gamma   90.00
#
_symmetry.space_group_name_H-M   'C 2 2 21'
#
loop_
_entity.id
_entity.type
_entity.pdbx_description
1 polymer 'ASPARTATE AMINOTRANSFERASE'
2 non-polymer "PYRIDOXAL-5'-PHOSPHATE-N-OXIDE"
3 non-polymer 'MALEIC ACID'
4 water water
#
_entity_poly.entity_id   1
_entity_poly.type   'polypeptide(L)'
_entity_poly.pdbx_seq_one_letter_code
;MFENITAAPADPILGLADLFRADERPGKINLGIGVYKDETGKTPVLTSVKKAEQYLLENETTKNYLGIDGIPEFGRCTQE
LLFGKGSALINDKRARTAQTPGGTGALRVAADFLAKNTSVKRVWVSNPSWPNHKSVFNSAGLEVREYAYYDAENHTLDFD
ALINSLNEAQAGDVVLFHGCCHNPTGIDPTLEQWQTLAQLSVEKGWLPLFDFAYQGFARGLEEDAEGLRAFAAMHKELIV
ASSYSKNFGLYNERVGACTLVAADSETVDRAFSQMKAAIRANYSNPPAHGASVVATILSNDALRAIWEQELTDMRQRIQR
MRQLFVNTLQEKGANRDFSFIIKQNGMFSFSGLTKEQVLRLREEFGVYAVASGRVNVAGMTPDNMAPLCEAIVAVL
;
_entity_poly.pdbx_strand_id   A
#
# COMPACT_ATOMS: atom_id res chain seq x y z
N MET A 1 18.67 -22.13 -24.63
CA MET A 1 17.58 -21.24 -24.44
C MET A 1 17.99 -20.10 -23.53
N PHE A 2 18.58 -20.40 -22.37
CA PHE A 2 18.85 -19.36 -21.38
C PHE A 2 20.29 -18.80 -21.34
N GLU A 3 21.08 -19.01 -22.40
CA GLU A 3 22.49 -18.61 -22.48
C GLU A 3 22.76 -17.12 -22.49
N ASN A 4 21.94 -16.32 -23.14
CA ASN A 4 22.21 -14.90 -23.22
C ASN A 4 21.12 -14.20 -22.44
N ILE A 5 20.60 -14.84 -21.38
CA ILE A 5 19.68 -14.11 -20.55
C ILE A 5 20.56 -13.36 -19.57
N THR A 6 20.31 -12.07 -19.58
CA THR A 6 21.00 -11.16 -18.69
C THR A 6 20.34 -11.31 -17.34
N ALA A 7 21.18 -11.06 -16.35
CA ALA A 7 20.72 -11.01 -14.98
C ALA A 7 19.90 -9.73 -14.80
N ALA A 8 18.77 -9.84 -14.15
CA ALA A 8 17.93 -8.70 -13.84
C ALA A 8 18.62 -7.81 -12.80
N PRO A 9 18.41 -6.49 -12.76
CA PRO A 9 18.81 -5.63 -11.64
C PRO A 9 18.12 -6.04 -10.37
N ALA A 10 18.69 -5.79 -9.19
CA ALA A 10 17.98 -6.17 -7.97
C ALA A 10 16.88 -5.18 -7.70
N ASP A 11 15.85 -5.69 -7.01
CA ASP A 11 14.69 -4.91 -6.64
C ASP A 11 15.16 -3.84 -5.66
N PRO A 12 14.76 -2.57 -5.85
CA PRO A 12 15.12 -1.48 -4.94
C PRO A 12 14.62 -1.59 -3.50
N ILE A 13 13.49 -2.29 -3.28
CA ILE A 13 13.01 -2.53 -1.93
C ILE A 13 13.45 -3.89 -1.43
N LEU A 14 13.06 -4.95 -2.14
CA LEU A 14 13.40 -6.30 -1.76
C LEU A 14 14.87 -6.62 -1.87
N GLY A 15 15.66 -6.00 -2.75
CA GLY A 15 17.08 -6.28 -2.90
C GLY A 15 17.88 -5.90 -1.66
N LEU A 16 17.35 -4.92 -0.94
CA LEU A 16 17.85 -4.52 0.35
C LEU A 16 17.83 -5.65 1.34
N ALA A 17 16.71 -6.34 1.44
CA ALA A 17 16.60 -7.43 2.36
C ALA A 17 17.66 -8.50 2.09
N ASP A 18 18.03 -8.74 0.84
CA ASP A 18 19.09 -9.70 0.52
C ASP A 18 20.47 -9.29 1.06
N LEU A 19 20.77 -7.99 0.92
CA LEU A 19 22.02 -7.40 1.37
C LEU A 19 22.11 -7.27 2.88
N PHE A 20 21.00 -6.95 3.53
CA PHE A 20 20.97 -6.70 4.97
C PHE A 20 21.38 -7.89 5.77
N ARG A 21 20.69 -8.95 5.37
CA ARG A 21 20.84 -10.22 6.01
C ARG A 21 22.16 -10.92 5.73
N ALA A 22 22.83 -10.57 4.63
CA ALA A 22 24.12 -11.18 4.29
C ALA A 22 25.29 -10.45 4.96
N ASP A 23 24.94 -9.32 5.57
CA ASP A 23 25.85 -8.48 6.30
C ASP A 23 25.99 -8.93 7.75
N GLU A 24 27.22 -9.11 8.23
CA GLU A 24 27.42 -9.67 9.56
C GLU A 24 28.15 -8.79 10.54
N ARG A 25 27.76 -7.53 10.26
CA ARG A 25 28.08 -6.40 11.13
C ARG A 25 26.98 -6.48 12.18
N PRO A 26 27.26 -6.46 13.47
CA PRO A 26 26.27 -6.74 14.50
C PRO A 26 25.24 -5.63 14.80
N GLY A 27 25.64 -4.37 14.63
CA GLY A 27 24.75 -3.28 14.92
C GLY A 27 23.97 -2.75 13.73
N LYS A 28 23.73 -3.52 12.65
CA LYS A 28 23.07 -2.95 11.49
C LYS A 28 21.60 -2.58 11.69
N ILE A 29 21.00 -1.58 11.00
CA ILE A 29 19.60 -1.20 11.20
C ILE A 29 18.86 -1.35 9.89
N ASN A 30 17.67 -1.94 9.86
CA ASN A 30 17.05 -2.30 8.60
C ASN A 30 16.27 -1.15 8.09
N LEU A 31 15.26 -0.44 8.60
CA LEU A 31 14.71 0.72 7.83
C LEU A 31 14.38 0.64 6.31
N GLY A 32 14.43 -0.56 5.70
CA GLY A 32 14.18 -0.75 4.28
C GLY A 32 12.74 -1.06 3.86
N ILE A 33 12.37 -2.35 3.92
CA ILE A 33 11.08 -2.87 3.45
C ILE A 33 9.73 -2.38 3.98
N GLY A 34 9.43 -1.82 5.15
CA GLY A 34 8.05 -1.35 5.29
C GLY A 34 7.12 -2.36 5.96
N VAL A 35 7.77 -3.09 6.85
CA VAL A 35 7.17 -4.02 7.76
C VAL A 35 7.20 -3.33 9.12
N TYR A 36 6.13 -3.40 9.89
CA TYR A 36 6.07 -2.83 11.21
C TYR A 36 7.03 -3.57 12.11
N LYS A 37 7.73 -2.85 13.00
CA LYS A 37 8.43 -3.48 14.10
C LYS A 37 7.92 -2.88 15.38
N ASP A 38 7.85 -3.67 16.47
CA ASP A 38 7.42 -3.21 17.78
C ASP A 38 8.64 -2.73 18.53
N GLU A 39 8.46 -2.27 19.79
CA GLU A 39 9.51 -1.64 20.59
C GLU A 39 10.80 -2.42 20.81
N THR A 40 10.65 -3.71 20.53
CA THR A 40 11.72 -4.67 20.73
C THR A 40 12.43 -5.12 19.47
N GLY A 41 12.12 -4.50 18.33
CA GLY A 41 12.72 -4.80 17.03
C GLY A 41 12.05 -5.98 16.33
N LYS A 42 10.83 -6.32 16.65
CA LYS A 42 10.26 -7.55 16.13
C LYS A 42 8.90 -7.30 15.51
N THR A 43 8.58 -8.17 14.56
CA THR A 43 7.31 -8.16 13.88
C THR A 43 6.59 -9.39 14.40
N PRO A 44 5.98 -9.39 15.58
CA PRO A 44 5.20 -10.53 16.02
C PRO A 44 3.97 -10.81 15.12
N VAL A 45 3.46 -12.04 15.10
CA VAL A 45 2.20 -12.22 14.44
C VAL A 45 1.19 -11.76 15.48
N LEU A 46 0.28 -10.85 15.09
CA LEU A 46 -0.72 -10.28 15.99
C LEU A 46 -1.45 -11.33 16.83
N THR A 47 -2.06 -10.92 17.96
CA THR A 47 -2.72 -11.85 18.87
C THR A 47 -4.11 -12.17 18.34
N SER A 48 -4.72 -11.17 17.70
CA SER A 48 -6.02 -11.36 17.12
C SER A 48 -5.85 -12.39 16.01
N VAL A 49 -4.69 -12.47 15.29
CA VAL A 49 -4.61 -13.45 14.25
C VAL A 49 -4.17 -14.76 14.83
N LYS A 50 -3.45 -14.83 15.97
CA LYS A 50 -3.16 -16.14 16.58
C LYS A 50 -4.44 -16.79 17.15
N LYS A 51 -5.39 -16.02 17.70
CA LYS A 51 -6.64 -16.61 18.19
C LYS A 51 -7.48 -17.17 17.06
N ALA A 52 -7.60 -16.39 15.96
CA ALA A 52 -8.28 -16.77 14.73
C ALA A 52 -7.66 -18.00 14.08
N GLU A 53 -6.33 -18.09 14.08
CA GLU A 53 -5.67 -19.29 13.60
C GLU A 53 -5.96 -20.50 14.46
N GLN A 54 -5.98 -20.43 15.82
CA GLN A 54 -6.29 -21.59 16.70
C GLN A 54 -7.65 -22.15 16.33
N TYR A 55 -8.56 -21.20 16.16
CA TYR A 55 -9.92 -21.38 15.71
C TYR A 55 -10.02 -22.15 14.38
N LEU A 56 -9.28 -21.76 13.34
CA LEU A 56 -9.32 -22.45 12.06
C LEU A 56 -8.74 -23.83 12.23
N LEU A 57 -7.69 -23.95 13.04
CA LEU A 57 -7.13 -25.26 13.35
C LEU A 57 -8.15 -26.20 14.03
N GLU A 58 -9.06 -25.66 14.85
CA GLU A 58 -10.07 -26.47 15.49
C GLU A 58 -11.24 -26.67 14.52
N ASN A 59 -11.56 -25.63 13.76
CA ASN A 59 -12.76 -25.64 12.94
C ASN A 59 -12.77 -25.82 11.42
N GLU A 60 -11.66 -26.30 10.83
CA GLU A 60 -11.64 -26.45 9.42
C GLU A 60 -11.86 -27.95 9.14
N THR A 61 -12.55 -28.25 8.07
CA THR A 61 -12.82 -29.65 7.70
C THR A 61 -12.19 -29.99 6.35
N THR A 62 -11.92 -28.96 5.56
CA THR A 62 -11.39 -29.19 4.22
C THR A 62 -10.44 -28.12 3.73
N LYS A 63 -9.55 -28.50 2.79
CA LYS A 63 -8.71 -27.51 2.15
C LYS A 63 -9.15 -27.38 0.71
N ASN A 64 -10.30 -27.95 0.36
CA ASN A 64 -10.86 -27.93 -0.99
C ASN A 64 -11.00 -26.52 -1.51
N TYR A 65 -10.74 -26.44 -2.81
CA TYR A 65 -10.58 -25.19 -3.55
C TYR A 65 -11.61 -24.12 -3.25
N LEU A 66 -11.09 -22.91 -3.03
CA LEU A 66 -11.91 -21.72 -2.89
C LEU A 66 -12.44 -21.39 -4.29
N GLY A 67 -13.50 -20.59 -4.43
CA GLY A 67 -13.93 -20.14 -5.76
C GLY A 67 -12.88 -19.21 -6.35
N ILE A 68 -12.90 -18.87 -7.67
CA ILE A 68 -11.88 -18.02 -8.30
C ILE A 68 -11.68 -16.69 -7.65
N ASP A 69 -12.75 -16.21 -7.08
CA ASP A 69 -12.81 -14.96 -6.36
C ASP A 69 -12.70 -15.07 -4.81
N GLY A 70 -12.51 -16.30 -4.33
CA GLY A 70 -12.26 -16.54 -2.92
C GLY A 70 -13.45 -16.61 -1.99
N ILE A 71 -13.16 -16.25 -0.71
CA ILE A 71 -14.14 -16.27 0.37
C ILE A 71 -15.10 -15.08 0.23
N PRO A 72 -16.43 -15.30 0.10
CA PRO A 72 -17.46 -14.28 -0.10
C PRO A 72 -17.50 -13.37 1.11
N GLU A 73 -17.35 -13.95 2.31
CA GLU A 73 -17.36 -13.23 3.58
C GLU A 73 -16.27 -12.14 3.60
N PHE A 74 -15.08 -12.56 3.13
CA PHE A 74 -13.93 -11.70 2.95
C PHE A 74 -14.30 -10.57 2.00
N GLY A 75 -15.00 -10.91 0.93
CA GLY A 75 -15.41 -9.95 -0.07
C GLY A 75 -16.31 -8.86 0.50
N ARG A 76 -17.35 -9.20 1.31
CA ARG A 76 -18.28 -8.14 1.73
C ARG A 76 -17.66 -7.27 2.82
N CYS A 77 -16.95 -7.87 3.79
CA CYS A 77 -16.21 -7.11 4.81
C CYS A 77 -15.22 -6.12 4.19
N THR A 78 -14.49 -6.51 3.11
CA THR A 78 -13.52 -5.64 2.42
C THR A 78 -14.29 -4.47 1.85
N GLN A 79 -15.41 -4.74 1.14
CA GLN A 79 -16.27 -3.69 0.62
C GLN A 79 -16.83 -2.74 1.66
N GLU A 80 -17.21 -3.23 2.84
CA GLU A 80 -17.66 -2.43 3.96
C GLU A 80 -16.53 -1.58 4.55
N LEU A 81 -15.31 -2.14 4.58
CA LEU A 81 -14.17 -1.43 5.11
C LEU A 81 -13.82 -0.28 4.17
N LEU A 82 -13.89 -0.54 2.87
CA LEU A 82 -13.61 0.47 1.88
C LEU A 82 -14.71 1.52 1.68
N PHE A 83 -15.95 1.05 1.48
CA PHE A 83 -17.06 1.92 1.14
C PHE A 83 -17.99 2.36 2.27
N GLY A 84 -17.90 1.72 3.43
CA GLY A 84 -18.75 2.02 4.55
C GLY A 84 -19.93 1.05 4.61
N LYS A 85 -20.34 0.76 5.85
CA LYS A 85 -21.49 -0.10 6.07
C LYS A 85 -22.69 0.69 5.55
N GLY A 86 -23.53 -0.04 4.82
CA GLY A 86 -24.71 0.56 4.20
C GLY A 86 -24.33 1.62 3.15
N SER A 87 -23.24 1.42 2.43
CA SER A 87 -22.89 2.30 1.34
C SER A 87 -23.90 2.02 0.24
N ALA A 88 -24.04 3.02 -0.61
CA ALA A 88 -24.90 2.89 -1.76
C ALA A 88 -24.38 1.92 -2.82
N LEU A 89 -23.05 1.69 -3.00
CA LEU A 89 -22.56 0.75 -4.02
C LEU A 89 -22.70 -0.68 -3.55
N ILE A 90 -22.74 -0.86 -2.24
CA ILE A 90 -22.93 -2.19 -1.68
C ILE A 90 -24.40 -2.60 -1.88
N ASN A 91 -25.27 -1.67 -1.51
CA ASN A 91 -26.73 -1.85 -1.62
C ASN A 91 -27.22 -1.99 -3.06
N ASP A 92 -26.68 -1.21 -4.02
CA ASP A 92 -27.04 -1.31 -5.43
C ASP A 92 -26.38 -2.48 -6.12
N LYS A 93 -25.61 -3.28 -5.35
CA LYS A 93 -24.82 -4.42 -5.82
C LYS A 93 -23.94 -4.05 -7.02
N ARG A 94 -23.34 -2.84 -6.88
CA ARG A 94 -22.45 -2.24 -7.87
C ARG A 94 -21.00 -2.67 -7.81
N ALA A 95 -20.52 -3.18 -6.66
CA ALA A 95 -19.13 -3.64 -6.54
C ALA A 95 -18.99 -5.16 -6.57
N ARG A 96 -17.90 -5.68 -7.10
CA ARG A 96 -17.63 -7.09 -7.05
C ARG A 96 -16.15 -7.19 -6.68
N THR A 97 -15.87 -7.95 -5.59
CA THR A 97 -14.48 -8.15 -5.19
C THR A 97 -13.99 -9.58 -5.20
N ALA A 98 -12.80 -9.70 -5.78
CA ALA A 98 -12.06 -10.94 -5.81
C ALA A 98 -10.97 -10.93 -4.73
N GLN A 99 -10.82 -11.96 -3.91
CA GLN A 99 -9.71 -12.12 -2.98
C GLN A 99 -8.47 -12.40 -3.84
N THR A 100 -7.30 -11.86 -3.51
CA THR A 100 -6.07 -11.96 -4.31
C THR A 100 -4.87 -12.20 -3.41
N PRO A 101 -3.72 -12.70 -3.92
CA PRO A 101 -2.47 -12.75 -3.19
C PRO A 101 -1.83 -11.36 -2.99
N GLY A 102 -2.27 -10.68 -1.94
CA GLY A 102 -1.75 -9.40 -1.58
C GLY A 102 -2.23 -8.34 -2.52
N GLY A 103 -1.79 -7.13 -2.21
CA GLY A 103 -2.12 -5.96 -3.01
C GLY A 103 -1.42 -5.99 -4.35
N THR A 104 -0.29 -6.69 -4.49
CA THR A 104 0.41 -6.72 -5.76
C THR A 104 -0.39 -7.55 -6.75
N GLY A 105 -0.89 -8.68 -6.24
CA GLY A 105 -1.71 -9.59 -7.02
C GLY A 105 -3.00 -8.90 -7.43
N ALA A 106 -3.63 -8.07 -6.58
CA ALA A 106 -4.80 -7.31 -6.94
C ALA A 106 -4.51 -6.25 -7.99
N LEU A 107 -3.33 -5.64 -7.92
CA LEU A 107 -2.93 -4.62 -8.88
C LEU A 107 -2.67 -5.27 -10.25
N ARG A 108 -2.08 -6.48 -10.33
CA ARG A 108 -1.83 -7.15 -11.59
C ARG A 108 -3.13 -7.63 -12.21
N VAL A 109 -4.03 -8.24 -11.44
CA VAL A 109 -5.31 -8.73 -11.90
C VAL A 109 -6.07 -7.58 -12.54
N ALA A 110 -5.98 -6.38 -11.95
CA ALA A 110 -6.57 -5.19 -12.51
C ALA A 110 -5.94 -4.90 -13.86
N ALA A 111 -4.61 -4.92 -13.92
CA ALA A 111 -3.87 -4.64 -15.12
C ALA A 111 -4.14 -5.61 -16.26
N ASP A 112 -4.11 -6.93 -15.97
CA ASP A 112 -4.51 -7.99 -16.89
C ASP A 112 -5.94 -7.84 -17.41
N PHE A 113 -6.87 -7.57 -16.50
CA PHE A 113 -8.26 -7.29 -16.83
C PHE A 113 -8.34 -6.15 -17.84
N LEU A 114 -7.98 -4.93 -17.44
CA LEU A 114 -7.99 -3.76 -18.30
C LEU A 114 -7.26 -3.94 -19.65
N ALA A 115 -6.18 -4.69 -19.69
CA ALA A 115 -5.42 -4.84 -20.91
C ALA A 115 -6.25 -5.65 -21.85
N LYS A 116 -6.82 -6.82 -21.52
CA LYS A 116 -7.59 -7.55 -22.53
C LYS A 116 -9.08 -7.19 -22.68
N ASN A 117 -9.70 -6.38 -21.81
CA ASN A 117 -11.12 -6.11 -21.82
C ASN A 117 -11.50 -4.64 -21.96
N THR A 118 -10.49 -3.80 -22.15
CA THR A 118 -10.57 -2.36 -22.13
C THR A 118 -9.64 -1.82 -23.21
N SER A 119 -9.98 -0.57 -23.47
CA SER A 119 -9.32 0.41 -24.31
C SER A 119 -8.04 1.03 -23.75
N VAL A 120 -7.70 0.75 -22.51
CA VAL A 120 -6.69 1.50 -21.84
C VAL A 120 -5.33 1.06 -22.35
N LYS A 121 -4.54 2.12 -22.55
CA LYS A 121 -3.16 1.99 -23.04
C LYS A 121 -2.18 2.53 -22.03
N ARG A 122 -2.70 3.39 -21.15
CA ARG A 122 -1.96 4.19 -20.22
C ARG A 122 -2.45 4.16 -18.81
N VAL A 123 -1.56 3.86 -17.88
CA VAL A 123 -1.86 4.02 -16.47
C VAL A 123 -1.00 5.20 -16.04
N TRP A 124 -1.54 6.19 -15.34
CA TRP A 124 -0.80 7.33 -14.80
C TRP A 124 -0.49 7.00 -13.35
N VAL A 125 0.75 7.18 -12.93
CA VAL A 125 1.22 6.84 -11.60
C VAL A 125 2.00 8.05 -11.07
N SER A 126 1.96 8.34 -9.78
CA SER A 126 2.62 9.52 -9.26
C SER A 126 4.11 9.49 -9.27
N ASN A 127 4.67 10.68 -9.25
CA ASN A 127 6.10 10.82 -9.06
C ASN A 127 6.30 11.52 -7.71
N PRO A 128 6.85 10.80 -6.72
CA PRO A 128 7.31 9.43 -6.81
C PRO A 128 6.22 8.44 -6.51
N SER A 129 6.38 7.14 -6.78
CA SER A 129 5.39 6.15 -6.36
C SER A 129 6.05 4.86 -5.86
N TRP A 130 5.33 3.81 -5.41
CA TRP A 130 5.88 2.47 -5.15
C TRP A 130 6.65 2.04 -6.41
N PRO A 131 7.91 1.63 -6.32
CA PRO A 131 8.75 1.27 -7.45
C PRO A 131 8.23 0.14 -8.33
N ASN A 132 7.41 -0.73 -7.73
CA ASN A 132 6.92 -1.88 -8.45
C ASN A 132 5.61 -1.60 -9.24
N HIS A 133 5.02 -0.42 -9.14
CA HIS A 133 3.83 -0.08 -9.90
C HIS A 133 4.04 -0.19 -11.41
N LYS A 134 5.22 0.29 -11.82
CA LYS A 134 5.63 0.38 -13.21
C LYS A 134 5.85 -0.98 -13.81
N SER A 135 6.40 -1.83 -12.98
CA SER A 135 6.73 -3.18 -13.35
C SER A 135 5.50 -4.08 -13.49
N VAL A 136 4.48 -3.88 -12.66
CA VAL A 136 3.22 -4.63 -12.68
C VAL A 136 2.42 -4.17 -13.89
N PHE A 137 2.27 -2.86 -14.07
CA PHE A 137 1.56 -2.36 -15.25
C PHE A 137 2.33 -2.63 -16.55
N ASN A 138 3.64 -2.51 -16.70
CA ASN A 138 4.29 -2.88 -17.95
C ASN A 138 4.20 -4.36 -18.29
N SER A 139 4.12 -5.25 -17.30
CA SER A 139 4.03 -6.69 -17.54
C SER A 139 2.69 -7.06 -18.19
N ALA A 140 1.65 -6.26 -17.91
CA ALA A 140 0.32 -6.45 -18.50
C ALA A 140 0.18 -5.88 -19.92
N GLY A 141 1.16 -5.07 -20.32
CA GLY A 141 1.19 -4.48 -21.62
C GLY A 141 1.04 -2.97 -21.58
N LEU A 142 0.48 -2.47 -20.48
CA LEU A 142 0.21 -1.07 -20.32
C LEU A 142 1.44 -0.23 -20.20
N GLU A 143 1.28 1.00 -20.68
CA GLU A 143 2.31 2.01 -20.56
C GLU A 143 2.02 2.75 -19.26
N VAL A 144 3.06 3.22 -18.63
CA VAL A 144 2.97 3.94 -17.39
C VAL A 144 3.48 5.36 -17.62
N ARG A 145 2.67 6.39 -17.49
CA ARG A 145 3.20 7.73 -17.58
C ARG A 145 3.20 8.39 -16.20
N GLU A 146 3.95 9.45 -15.89
CA GLU A 146 3.97 9.99 -14.55
C GLU A 146 3.38 11.35 -14.34
N TYR A 147 2.69 11.50 -13.23
CA TYR A 147 2.23 12.82 -12.93
C TYR A 147 2.98 13.38 -11.75
N ALA A 148 3.08 14.71 -11.75
CA ALA A 148 3.72 15.43 -10.67
C ALA A 148 2.96 15.22 -9.37
N TYR A 149 3.72 15.38 -8.30
CA TYR A 149 3.17 15.08 -7.02
C TYR A 149 3.84 15.76 -5.88
N TYR A 150 5.09 15.50 -5.58
CA TYR A 150 5.67 16.03 -4.37
C TYR A 150 6.56 17.22 -4.61
N ASP A 151 6.34 18.33 -3.89
CA ASP A 151 7.26 19.44 -3.91
C ASP A 151 8.29 19.12 -2.83
N ALA A 152 9.50 18.91 -3.33
CA ALA A 152 10.64 18.55 -2.51
C ALA A 152 11.23 19.69 -1.72
N GLU A 153 11.11 20.96 -2.15
CA GLU A 153 11.71 22.09 -1.42
C GLU A 153 10.88 22.39 -0.20
N ASN A 154 9.58 22.46 -0.48
CA ASN A 154 8.60 22.79 0.52
C ASN A 154 8.07 21.59 1.30
N HIS A 155 8.28 20.35 0.80
CA HIS A 155 7.90 19.08 1.43
C HIS A 155 6.41 18.90 1.46
N THR A 156 5.74 19.41 0.44
CA THR A 156 4.29 19.39 0.34
C THR A 156 3.83 18.60 -0.86
N LEU A 157 2.51 18.37 -0.93
CA LEU A 157 1.93 17.88 -2.17
C LEU A 157 1.86 19.14 -3.03
N ASP A 158 2.33 19.03 -4.28
CA ASP A 158 2.29 20.11 -5.26
C ASP A 158 1.06 19.90 -6.12
N PHE A 159 -0.07 20.36 -5.58
CA PHE A 159 -1.39 20.09 -6.15
C PHE A 159 -1.58 20.67 -7.55
N ASP A 160 -1.16 21.91 -7.76
CA ASP A 160 -1.16 22.53 -9.09
C ASP A 160 -0.40 21.82 -10.19
N ALA A 161 0.84 21.43 -9.88
CA ALA A 161 1.63 20.63 -10.78
C ALA A 161 0.97 19.27 -10.94
N LEU A 162 0.33 18.70 -9.90
CA LEU A 162 -0.43 17.46 -10.05
C LEU A 162 -1.58 17.77 -10.99
N ILE A 163 -2.35 18.86 -10.88
CA ILE A 163 -3.43 19.16 -11.81
C ILE A 163 -2.90 19.32 -13.24
N ASN A 164 -1.88 20.17 -13.47
CA ASN A 164 -1.40 20.49 -14.83
C ASN A 164 -0.73 19.32 -15.54
N SER A 165 -0.22 18.40 -14.72
CA SER A 165 0.36 17.16 -15.19
C SER A 165 -0.62 16.29 -15.90
N LEU A 166 -1.75 16.15 -15.19
CA LEU A 166 -2.83 15.29 -15.58
C LEU A 166 -3.66 15.90 -16.68
N ASN A 167 -3.55 17.19 -17.01
CA ASN A 167 -4.25 17.75 -18.17
C ASN A 167 -3.70 17.19 -19.48
N GLU A 168 -2.75 16.25 -19.43
CA GLU A 168 -2.20 15.54 -20.60
C GLU A 168 -2.66 14.06 -20.68
N ALA A 169 -3.53 13.74 -19.69
CA ALA A 169 -4.23 12.49 -19.56
C ALA A 169 -5.54 12.64 -20.29
N GLN A 170 -5.79 11.60 -21.07
CA GLN A 170 -6.97 11.52 -21.90
C GLN A 170 -8.12 10.80 -21.23
N ALA A 171 -9.30 10.93 -21.85
CA ALA A 171 -10.47 10.23 -21.40
C ALA A 171 -10.18 8.81 -21.84
N GLY A 172 -10.31 7.94 -20.84
CA GLY A 172 -10.05 6.53 -21.03
C GLY A 172 -8.78 6.10 -20.36
N ASP A 173 -7.91 6.99 -19.92
CA ASP A 173 -6.72 6.62 -19.20
C ASP A 173 -6.95 6.25 -17.73
N VAL A 174 -6.18 5.30 -17.18
CA VAL A 174 -6.22 4.97 -15.76
C VAL A 174 -5.35 5.96 -15.04
N VAL A 175 -5.77 6.39 -13.86
CA VAL A 175 -4.97 7.25 -13.02
C VAL A 175 -5.00 6.50 -11.70
N LEU A 176 -3.80 6.21 -11.19
CA LEU A 176 -3.65 5.52 -9.92
C LEU A 176 -3.48 6.54 -8.83
N PHE A 177 -4.33 6.36 -7.82
CA PHE A 177 -4.28 7.14 -6.61
C PHE A 177 -3.92 6.27 -5.42
N HIS A 178 -3.06 6.73 -4.52
CA HIS A 178 -2.85 6.00 -3.26
C HIS A 178 -3.88 6.59 -2.32
N GLY A 179 -4.62 5.68 -1.67
CA GLY A 179 -5.75 6.04 -0.83
C GLY A 179 -5.42 6.89 0.37
N CYS A 180 -4.40 6.45 1.07
CA CYS A 180 -3.86 7.20 2.19
C CYS A 180 -2.46 6.64 2.33
N CYS A 181 -1.60 7.29 3.15
CA CYS A 181 -0.20 6.94 3.42
C CYS A 181 0.49 6.71 2.11
N HIS A 182 0.72 7.79 1.38
CA HIS A 182 1.35 7.68 0.07
C HIS A 182 2.73 7.04 0.18
N ASN A 183 2.97 5.99 -0.56
CA ASN A 183 4.28 5.38 -0.56
C ASN A 183 4.99 5.84 -1.82
N PRO A 184 6.10 6.58 -1.83
CA PRO A 184 6.92 6.83 -0.67
C PRO A 184 6.76 8.10 0.15
N THR A 185 6.10 9.15 -0.34
CA THR A 185 6.09 10.38 0.45
C THR A 185 5.33 10.43 1.78
N GLY A 186 4.20 9.77 1.97
CA GLY A 186 3.45 9.87 3.21
C GLY A 186 2.64 11.16 3.19
N ILE A 187 2.62 11.90 2.06
CA ILE A 187 1.89 13.15 1.86
C ILE A 187 0.63 12.74 1.10
N ASP A 188 -0.54 13.12 1.59
CA ASP A 188 -1.83 12.70 1.01
C ASP A 188 -2.72 13.89 0.67
N PRO A 189 -3.73 13.82 -0.19
CA PRO A 189 -4.57 14.99 -0.41
C PRO A 189 -5.42 15.21 0.82
N THR A 190 -5.72 16.47 1.04
CA THR A 190 -6.75 16.83 2.00
C THR A 190 -8.09 16.33 1.41
N LEU A 191 -9.15 16.33 2.21
CA LEU A 191 -10.44 15.93 1.70
C LEU A 191 -10.91 16.85 0.59
N GLU A 192 -10.68 18.14 0.80
CA GLU A 192 -11.05 19.18 -0.13
C GLU A 192 -10.29 19.00 -1.45
N GLN A 193 -9.01 18.60 -1.38
CA GLN A 193 -8.21 18.29 -2.55
C GLN A 193 -8.65 17.00 -3.17
N TRP A 194 -9.10 16.03 -2.39
CA TRP A 194 -9.68 14.86 -3.02
C TRP A 194 -11.05 15.09 -3.66
N GLN A 195 -11.94 15.96 -3.16
CA GLN A 195 -13.21 16.11 -3.87
C GLN A 195 -13.03 16.98 -5.13
N THR A 196 -11.93 17.74 -5.22
CA THR A 196 -11.51 18.51 -6.39
C THR A 196 -11.01 17.53 -7.45
N LEU A 197 -10.18 16.56 -7.06
CA LEU A 197 -9.74 15.52 -7.98
C LEU A 197 -10.91 14.60 -8.33
N ALA A 198 -11.94 14.49 -7.46
CA ALA A 198 -13.06 13.60 -7.72
C ALA A 198 -13.93 13.98 -8.90
N GLN A 199 -14.02 15.31 -8.97
CA GLN A 199 -14.82 16.10 -9.88
C GLN A 199 -14.14 16.29 -11.23
N LEU A 200 -12.82 16.50 -11.13
CA LEU A 200 -11.99 16.59 -12.29
C LEU A 200 -11.90 15.25 -13.00
N SER A 201 -11.71 14.04 -12.42
CA SER A 201 -11.70 12.81 -13.25
C SER A 201 -13.04 12.44 -13.86
N VAL A 202 -14.08 13.00 -13.27
CA VAL A 202 -15.42 12.93 -13.81
C VAL A 202 -15.52 13.74 -15.11
N GLU A 203 -15.06 14.99 -15.32
CA GLU A 203 -15.23 15.55 -16.67
C GLU A 203 -14.09 15.31 -17.65
N LYS A 204 -13.04 14.67 -17.14
CA LYS A 204 -11.88 14.36 -17.95
C LYS A 204 -11.94 12.93 -18.47
N GLY A 205 -12.72 12.07 -17.77
CA GLY A 205 -12.97 10.70 -18.18
C GLY A 205 -11.86 9.76 -17.80
N TRP A 206 -11.17 9.99 -16.70
CA TRP A 206 -10.15 9.07 -16.22
C TRP A 206 -10.82 7.90 -15.48
N LEU A 207 -10.31 6.66 -15.60
CA LEU A 207 -10.75 5.59 -14.73
C LEU A 207 -9.87 5.57 -13.45
N PRO A 208 -10.38 5.86 -12.23
CA PRO A 208 -9.67 5.78 -10.97
C PRO A 208 -9.28 4.39 -10.53
N LEU A 209 -8.01 4.14 -10.21
CA LEU A 209 -7.55 2.88 -9.62
C LEU A 209 -7.00 3.29 -8.26
N PHE A 210 -7.70 3.03 -7.16
CA PHE A 210 -7.16 3.30 -5.85
C PHE A 210 -6.32 2.18 -5.30
N ASP A 211 -5.09 2.47 -4.88
CA ASP A 211 -4.22 1.56 -4.18
C ASP A 211 -4.23 1.84 -2.66
N PHE A 212 -4.68 0.83 -1.93
CA PHE A 212 -4.88 0.81 -0.48
C PHE A 212 -4.09 -0.23 0.23
N ALA A 213 -2.93 0.18 0.74
CA ALA A 213 -2.06 -0.74 1.44
C ALA A 213 -1.95 -0.52 2.92
N TYR A 214 -2.28 0.74 3.24
CA TYR A 214 -2.10 1.22 4.58
C TYR A 214 -3.38 1.78 5.17
N GLN A 215 -4.57 1.23 4.90
CA GLN A 215 -5.75 1.77 5.56
C GLN A 215 -5.69 1.43 7.05
N GLY A 216 -5.91 2.44 7.90
CA GLY A 216 -5.81 2.33 9.35
C GLY A 216 -4.53 2.95 9.95
N PHE A 217 -3.61 3.35 9.11
CA PHE A 217 -2.32 3.85 9.53
C PHE A 217 -2.17 5.36 9.45
N ALA A 218 -3.03 6.09 8.72
CA ALA A 218 -2.90 7.54 8.66
C ALA A 218 -3.76 8.09 9.79
N ARG A 219 -5.07 8.34 9.69
CA ARG A 219 -5.85 8.70 10.85
C ARG A 219 -6.61 7.52 11.47
N GLY A 220 -7.35 6.72 10.68
CA GLY A 220 -7.97 5.52 11.22
C GLY A 220 -8.66 4.85 10.07
N LEU A 221 -9.30 3.69 10.25
CA LEU A 221 -9.91 2.97 9.14
C LEU A 221 -10.94 3.71 8.32
N GLU A 222 -11.83 4.49 8.91
CA GLU A 222 -12.89 5.16 8.17
C GLU A 222 -12.42 6.50 7.60
N GLU A 223 -11.61 7.16 8.43
CA GLU A 223 -10.97 8.44 8.14
C GLU A 223 -10.04 8.30 6.91
N ASP A 224 -9.47 7.11 6.75
CA ASP A 224 -8.53 6.84 5.69
C ASP A 224 -9.16 6.47 4.38
N ALA A 225 -10.44 6.08 4.45
CA ALA A 225 -11.17 5.69 3.27
C ALA A 225 -12.00 6.84 2.69
N GLU A 226 -12.00 8.02 3.32
CA GLU A 226 -12.74 9.20 2.86
C GLU A 226 -12.49 9.71 1.46
N GLY A 227 -11.28 9.57 0.94
CA GLY A 227 -10.93 10.12 -0.35
C GLY A 227 -11.51 9.29 -1.46
N LEU A 228 -11.40 7.99 -1.23
CA LEU A 228 -11.96 6.99 -2.11
C LEU A 228 -13.45 7.07 -2.10
N ARG A 229 -14.07 7.36 -0.95
CA ARG A 229 -15.50 7.44 -0.85
C ARG A 229 -15.96 8.75 -1.47
N ALA A 230 -15.08 9.75 -1.56
CA ALA A 230 -15.43 10.98 -2.22
C ALA A 230 -15.43 10.62 -3.69
N PHE A 231 -14.52 9.76 -4.19
CA PHE A 231 -14.55 9.40 -5.61
C PHE A 231 -15.70 8.47 -5.92
N ALA A 232 -16.02 7.58 -4.98
CA ALA A 232 -17.06 6.58 -5.18
C ALA A 232 -18.45 7.18 -5.28
N ALA A 233 -18.70 8.28 -4.57
CA ALA A 233 -19.96 8.98 -4.66
C ALA A 233 -20.19 9.61 -6.03
N MET A 234 -19.13 9.80 -6.83
CA MET A 234 -19.17 10.54 -8.08
C MET A 234 -18.96 9.71 -9.31
N HIS A 235 -18.30 8.57 -9.13
CA HIS A 235 -17.91 7.76 -10.26
C HIS A 235 -18.80 6.60 -10.48
N LYS A 236 -19.07 6.32 -11.76
CA LYS A 236 -19.82 5.13 -12.14
C LYS A 236 -18.90 3.91 -12.14
N GLU A 237 -17.60 4.11 -12.35
CA GLU A 237 -16.62 3.03 -12.41
C GLU A 237 -15.31 3.39 -11.73
N LEU A 238 -14.88 2.48 -10.89
CA LEU A 238 -13.65 2.59 -10.14
C LEU A 238 -13.09 1.18 -10.03
N ILE A 239 -11.84 1.16 -9.61
CA ILE A 239 -11.30 -0.09 -9.15
C ILE A 239 -10.34 0.23 -8.02
N VAL A 240 -10.45 -0.56 -6.96
CA VAL A 240 -9.55 -0.46 -5.85
C VAL A 240 -8.88 -1.81 -5.60
N ALA A 241 -7.57 -1.72 -5.40
CA ALA A 241 -6.68 -2.82 -5.05
C ALA A 241 -6.33 -2.56 -3.61
N SER A 242 -6.67 -3.52 -2.76
CA SER A 242 -6.57 -3.40 -1.32
C SER A 242 -5.64 -4.47 -0.79
N SER A 243 -4.89 -4.20 0.29
CA SER A 243 -3.97 -5.17 0.88
C SER A 243 -4.23 -5.22 2.36
N TYR A 244 -4.10 -6.40 2.95
CA TYR A 244 -4.24 -6.60 4.39
C TYR A 244 -2.95 -7.15 4.99
N SER A 245 -1.87 -6.89 4.30
CA SER A 245 -0.53 -7.37 4.70
C SER A 245 0.05 -6.52 5.84
N LYS A 246 -0.28 -5.24 5.79
CA LYS A 246 0.25 -4.25 6.75
C LYS A 246 -0.63 -4.10 8.01
N ASN A 247 -1.91 -3.83 7.80
CA ASN A 247 -2.85 -3.57 8.92
C ASN A 247 -3.25 -4.86 9.67
N PHE A 248 -2.89 -6.01 9.11
CA PHE A 248 -3.18 -7.31 9.74
C PHE A 248 -1.86 -7.99 10.06
N GLY A 249 -0.73 -7.38 9.65
CA GLY A 249 0.57 -7.94 9.96
C GLY A 249 0.62 -9.32 9.35
N LEU A 250 -0.06 -9.48 8.19
CA LEU A 250 -0.19 -10.80 7.58
C LEU A 250 0.55 -10.94 6.28
N TYR A 251 1.66 -10.21 6.26
CA TYR A 251 2.56 -10.00 5.14
C TYR A 251 2.75 -11.20 4.26
N ASN A 252 3.07 -12.38 4.80
CA ASN A 252 3.48 -13.49 3.95
C ASN A 252 2.43 -14.53 3.61
N GLU A 253 1.19 -14.23 3.99
CA GLU A 253 0.08 -15.10 3.70
C GLU A 253 -0.61 -14.66 2.44
N ARG A 254 -0.42 -13.36 2.17
CA ARG A 254 -0.74 -12.70 0.93
C ARG A 254 -2.22 -12.54 0.78
N VAL A 255 -2.77 -11.59 1.51
CA VAL A 255 -4.21 -11.40 1.49
C VAL A 255 -4.56 -10.01 0.98
N GLY A 256 -5.23 -9.91 -0.17
CA GLY A 256 -5.66 -8.63 -0.65
C GLY A 256 -6.92 -8.77 -1.45
N ALA A 257 -7.42 -7.68 -2.01
CA ALA A 257 -8.61 -7.75 -2.81
C ALA A 257 -8.55 -6.85 -4.03
N CYS A 258 -9.08 -7.35 -5.16
CA CYS A 258 -9.29 -6.47 -6.31
C CYS A 258 -10.78 -6.33 -6.43
N THR A 259 -11.21 -5.10 -6.14
CA THR A 259 -12.62 -4.82 -6.21
C THR A 259 -12.96 -3.77 -7.28
N LEU A 260 -13.82 -4.35 -8.12
CA LEU A 260 -14.40 -3.76 -9.30
C LEU A 260 -15.74 -3.08 -9.12
N VAL A 261 -15.93 -1.80 -9.53
CA VAL A 261 -17.28 -1.21 -9.47
C VAL A 261 -17.64 -0.65 -10.84
N ALA A 262 -18.85 -0.97 -11.30
CA ALA A 262 -19.37 -0.49 -12.59
C ALA A 262 -20.66 0.26 -12.34
N ALA A 263 -21.34 0.77 -13.37
CA ALA A 263 -22.51 1.60 -13.15
C ALA A 263 -23.71 0.92 -12.51
N ASP A 264 -23.83 -0.39 -12.73
CA ASP A 264 -24.94 -1.17 -12.19
C ASP A 264 -24.48 -2.60 -12.00
N SER A 265 -25.33 -3.43 -11.38
CA SER A 265 -24.95 -4.79 -11.05
C SER A 265 -24.77 -5.69 -12.24
N GLU A 266 -25.43 -5.40 -13.37
CA GLU A 266 -25.34 -6.27 -14.56
C GLU A 266 -23.99 -6.13 -15.22
N THR A 267 -23.58 -4.87 -15.37
CA THR A 267 -22.30 -4.50 -15.94
C THR A 267 -21.22 -4.94 -15.04
N VAL A 268 -21.33 -4.68 -13.71
CA VAL A 268 -20.28 -5.07 -12.84
C VAL A 268 -20.15 -6.58 -12.85
N ASP A 269 -21.23 -7.37 -12.96
CA ASP A 269 -21.05 -8.81 -12.94
C ASP A 269 -20.53 -9.34 -14.29
N ARG A 270 -20.74 -8.61 -15.38
CA ARG A 270 -20.29 -9.02 -16.70
C ARG A 270 -18.81 -8.80 -16.83
N ALA A 271 -18.41 -7.63 -16.33
CA ALA A 271 -17.03 -7.23 -16.27
C ALA A 271 -16.30 -8.18 -15.34
N PHE A 272 -16.98 -8.59 -14.24
CA PHE A 272 -16.33 -9.47 -13.26
C PHE A 272 -16.07 -10.85 -13.79
N SER A 273 -16.88 -11.44 -14.64
CA SER A 273 -16.53 -12.71 -15.26
C SER A 273 -15.24 -12.67 -16.08
N GLN A 274 -14.86 -11.50 -16.63
CA GLN A 274 -13.61 -11.37 -17.37
C GLN A 274 -12.42 -11.27 -16.43
N MET A 275 -12.59 -10.44 -15.40
CA MET A 275 -11.61 -10.33 -14.34
C MET A 275 -11.39 -11.70 -13.72
N LYS A 276 -12.43 -12.52 -13.58
CA LYS A 276 -12.25 -13.86 -13.06
C LYS A 276 -11.61 -14.76 -14.07
N ALA A 277 -11.81 -14.52 -15.35
CA ALA A 277 -11.13 -15.32 -16.35
C ALA A 277 -9.64 -14.95 -16.35
N ALA A 278 -9.27 -13.70 -16.03
CA ALA A 278 -7.86 -13.33 -15.96
C ALA A 278 -7.17 -14.04 -14.77
N ILE A 279 -7.85 -14.02 -13.59
CA ILE A 279 -7.39 -14.67 -12.36
C ILE A 279 -7.16 -16.15 -12.63
N ARG A 280 -8.02 -16.86 -13.38
CA ARG A 280 -7.88 -18.27 -13.65
C ARG A 280 -6.66 -18.54 -14.50
N ALA A 281 -6.37 -17.67 -15.46
CA ALA A 281 -5.22 -17.82 -16.35
C ALA A 281 -3.86 -17.46 -15.72
N ASN A 282 -3.83 -17.15 -14.45
CA ASN A 282 -2.64 -16.71 -13.75
C ASN A 282 -2.37 -17.65 -12.56
N TYR A 283 -2.98 -17.47 -11.40
CA TYR A 283 -2.93 -18.47 -10.35
C TYR A 283 -4.33 -19.09 -10.39
N SER A 284 -5.00 -19.92 -9.58
CA SER A 284 -6.34 -20.34 -10.10
C SER A 284 -7.54 -19.75 -9.37
N ASN A 285 -7.26 -19.65 -8.06
CA ASN A 285 -8.14 -19.32 -6.97
C ASN A 285 -7.22 -18.84 -5.83
N PRO A 286 -7.59 -18.09 -4.80
CA PRO A 286 -6.62 -17.44 -3.97
C PRO A 286 -6.26 -18.34 -2.76
N PRO A 287 -5.13 -18.03 -2.10
CA PRO A 287 -4.64 -18.77 -0.94
C PRO A 287 -5.60 -18.57 0.20
N ALA A 288 -6.07 -19.64 0.84
CA ALA A 288 -7.12 -19.44 1.81
C ALA A 288 -6.76 -18.91 3.18
N HIS A 289 -5.70 -19.41 3.81
CA HIS A 289 -5.38 -19.10 5.19
C HIS A 289 -5.44 -17.65 5.68
N GLY A 290 -4.74 -16.78 4.96
CA GLY A 290 -4.70 -15.37 5.30
C GLY A 290 -6.04 -14.66 5.24
N ALA A 291 -6.82 -14.94 4.19
CA ALA A 291 -8.13 -14.33 3.97
C ALA A 291 -9.18 -14.86 4.93
N SER A 292 -9.11 -16.16 5.14
CA SER A 292 -9.76 -16.89 6.21
C SER A 292 -9.59 -16.25 7.59
N VAL A 293 -8.38 -15.80 7.94
CA VAL A 293 -8.12 -15.12 9.19
C VAL A 293 -8.75 -13.74 9.19
N VAL A 294 -8.69 -12.91 8.14
CA VAL A 294 -9.22 -11.54 8.10
C VAL A 294 -10.71 -11.54 8.37
N ALA A 295 -11.34 -12.51 7.70
CA ALA A 295 -12.76 -12.71 7.73
C ALA A 295 -13.12 -13.24 9.08
N THR A 296 -12.46 -14.21 9.73
CA THR A 296 -12.78 -14.58 11.13
C THR A 296 -12.67 -13.37 12.09
N ILE A 297 -11.60 -12.57 12.00
CA ILE A 297 -11.43 -11.43 12.86
C ILE A 297 -12.51 -10.40 12.60
N LEU A 298 -12.81 -10.04 11.36
CA LEU A 298 -13.84 -9.06 11.07
C LEU A 298 -15.27 -9.56 11.31
N SER A 299 -15.50 -10.87 11.48
CA SER A 299 -16.83 -11.45 11.71
C SER A 299 -17.11 -11.66 13.20
N ASN A 300 -16.16 -11.27 14.05
CA ASN A 300 -16.24 -11.55 15.46
C ASN A 300 -16.12 -10.22 16.19
N ASP A 301 -17.10 -9.90 17.03
CA ASP A 301 -17.17 -8.63 17.73
C ASP A 301 -15.95 -8.36 18.61
N ALA A 302 -15.51 -9.47 19.24
CA ALA A 302 -14.43 -9.51 20.22
C ALA A 302 -13.04 -9.53 19.64
N LEU A 303 -12.82 -10.51 18.80
CA LEU A 303 -11.63 -10.66 18.00
C LEU A 303 -11.43 -9.45 17.08
N ARG A 304 -12.47 -8.73 16.62
CA ARG A 304 -12.30 -7.51 15.80
C ARG A 304 -11.78 -6.38 16.70
N ALA A 305 -12.37 -6.28 17.89
CA ALA A 305 -12.04 -5.30 18.90
C ALA A 305 -10.57 -5.36 19.27
N ILE A 306 -10.07 -6.61 19.40
CA ILE A 306 -8.69 -6.87 19.75
C ILE A 306 -7.83 -6.44 18.57
N TRP A 307 -8.17 -6.70 17.28
CA TRP A 307 -7.36 -6.27 16.15
C TRP A 307 -7.30 -4.77 16.08
N GLU A 308 -8.42 -4.10 16.23
CA GLU A 308 -8.48 -2.63 16.11
C GLU A 308 -7.64 -1.98 17.16
N GLN A 309 -7.51 -2.62 18.33
CA GLN A 309 -6.59 -2.07 19.31
C GLN A 309 -5.18 -2.38 18.90
N GLU A 310 -4.87 -3.56 18.39
CA GLU A 310 -3.54 -3.86 17.92
C GLU A 310 -3.11 -2.90 16.80
N LEU A 311 -4.01 -2.50 15.91
CA LEU A 311 -3.69 -1.62 14.80
C LEU A 311 -3.48 -0.22 15.33
N THR A 312 -4.25 0.23 16.35
CA THR A 312 -4.05 1.53 16.98
C THR A 312 -2.71 1.63 17.70
N ASP A 313 -2.29 0.65 18.49
CA ASP A 313 -0.94 0.62 19.05
C ASP A 313 0.18 0.86 18.04
N MET A 314 0.09 0.25 16.84
CA MET A 314 1.07 0.41 15.76
C MET A 314 1.04 1.83 15.27
N ARG A 315 -0.14 2.36 14.89
CA ARG A 315 -0.32 3.71 14.39
C ARG A 315 0.39 4.65 15.36
N GLN A 316 0.13 4.46 16.65
CA GLN A 316 0.67 5.32 17.69
C GLN A 316 2.16 5.15 17.86
N ARG A 317 2.70 3.94 17.84
CA ARG A 317 4.12 3.71 18.04
C ARG A 317 4.92 4.33 16.90
N ILE A 318 4.46 4.26 15.66
CA ILE A 318 5.14 4.92 14.58
C ILE A 318 5.09 6.43 14.81
N GLN A 319 3.96 7.03 15.26
CA GLN A 319 3.90 8.49 15.52
C GLN A 319 4.88 9.00 16.55
N ARG A 320 5.05 8.17 17.60
CA ARG A 320 5.98 8.35 18.71
C ARG A 320 7.44 8.36 18.19
N MET A 321 7.75 7.37 17.32
CA MET A 321 9.02 7.18 16.62
C MET A 321 9.34 8.33 15.69
N ARG A 322 8.37 8.88 14.97
CA ARG A 322 8.54 10.12 14.24
C ARG A 322 9.01 11.28 15.10
N GLN A 323 8.38 11.59 16.22
CA GLN A 323 8.75 12.78 16.97
C GLN A 323 10.14 12.58 17.58
N LEU A 324 10.39 11.33 17.91
CA LEU A 324 11.62 10.91 18.53
C LEU A 324 12.74 11.14 17.55
N PHE A 325 12.60 10.58 16.36
CA PHE A 325 13.54 10.78 15.25
C PHE A 325 13.67 12.27 14.96
N VAL A 326 12.70 13.18 14.98
CA VAL A 326 13.06 14.54 14.60
C VAL A 326 13.73 15.27 15.73
N ASN A 327 13.57 14.74 16.96
CA ASN A 327 14.11 15.32 18.19
C ASN A 327 15.56 14.97 18.46
N THR A 328 15.78 13.68 18.23
CA THR A 328 17.08 13.07 18.34
C THR A 328 17.99 13.61 17.28
N LEU A 329 17.47 13.74 16.03
CA LEU A 329 18.28 14.22 14.93
C LEU A 329 18.82 15.58 15.24
N GLN A 330 17.93 16.42 15.78
CA GLN A 330 18.17 17.76 16.29
C GLN A 330 19.38 17.92 17.23
N GLU A 331 19.34 17.06 18.27
CA GLU A 331 20.35 17.03 19.31
C GLU A 331 21.52 16.13 18.97
N LYS A 332 21.47 15.40 17.86
CA LYS A 332 22.59 14.59 17.47
C LYS A 332 23.48 15.37 16.51
N GLY A 333 23.09 16.62 16.25
CA GLY A 333 23.93 17.48 15.45
C GLY A 333 23.29 17.83 14.09
N ALA A 334 22.11 17.26 13.85
CA ALA A 334 21.36 17.44 12.57
C ALA A 334 21.66 18.79 11.94
N ASN A 335 22.05 18.66 10.70
CA ASN A 335 22.51 19.75 9.87
C ASN A 335 21.38 20.53 9.21
N ARG A 336 20.17 19.93 9.04
CA ARG A 336 19.01 20.52 8.37
C ARG A 336 17.85 20.49 9.36
N ASP A 337 16.66 20.99 9.01
CA ASP A 337 15.51 20.81 9.88
C ASP A 337 14.64 19.79 9.17
N PHE A 338 14.49 18.71 9.92
CA PHE A 338 13.74 17.53 9.56
C PHE A 338 12.35 17.51 10.14
N SER A 339 11.85 18.65 10.63
CA SER A 339 10.54 18.70 11.24
C SER A 339 9.35 18.39 10.31
N PHE A 340 9.58 18.46 8.99
CA PHE A 340 8.56 18.13 7.98
C PHE A 340 8.11 16.67 8.06
N ILE A 341 8.95 15.75 8.56
CA ILE A 341 8.58 14.34 8.53
C ILE A 341 7.53 14.10 9.58
N ILE A 342 7.32 15.03 10.53
CA ILE A 342 6.21 14.93 11.50
C ILE A 342 4.82 14.93 10.85
N LYS A 343 4.71 15.68 9.76
CA LYS A 343 3.47 15.89 9.05
C LYS A 343 3.13 14.78 8.05
N GLN A 344 4.04 13.81 7.89
CA GLN A 344 3.85 12.70 6.97
C GLN A 344 3.09 11.58 7.67
N ASN A 345 2.37 10.74 6.91
CA ASN A 345 1.47 9.69 7.39
C ASN A 345 1.96 8.31 7.06
N GLY A 346 1.97 7.41 8.02
CA GLY A 346 2.19 6.01 7.69
C GLY A 346 3.48 5.52 8.24
N MET A 347 3.97 4.41 7.69
CA MET A 347 5.24 3.88 8.16
C MET A 347 6.48 4.68 7.76
N PHE A 348 6.43 5.45 6.67
CA PHE A 348 7.65 5.97 6.08
C PHE A 348 7.96 7.41 6.39
N SER A 349 9.24 7.71 6.21
CA SER A 349 9.73 9.06 6.22
C SER A 349 10.37 9.24 4.85
N PHE A 350 9.92 10.18 4.03
CA PHE A 350 10.62 10.40 2.79
C PHE A 350 11.70 11.41 3.12
N SER A 351 12.88 10.96 3.59
CA SER A 351 13.92 11.95 3.85
C SER A 351 14.53 12.47 2.56
N GLY A 352 15.12 13.64 2.67
CA GLY A 352 15.74 14.19 1.48
C GLY A 352 17.09 13.56 1.16
N LEU A 353 17.51 12.46 1.75
CA LEU A 353 18.79 11.87 1.47
C LEU A 353 19.02 11.54 0.00
N THR A 354 20.22 11.90 -0.49
CA THR A 354 20.57 11.70 -1.89
C THR A 354 20.93 10.23 -2.15
N LYS A 355 21.05 9.66 -3.39
CA LYS A 355 21.37 8.22 -3.52
C LYS A 355 22.69 7.76 -2.88
N GLU A 356 23.59 8.74 -2.68
CA GLU A 356 24.95 8.58 -2.18
C GLU A 356 25.02 8.70 -0.67
N GLN A 357 24.11 9.52 -0.09
CA GLN A 357 23.97 9.61 1.35
C GLN A 357 23.44 8.25 1.73
N VAL A 358 22.43 7.79 1.02
CA VAL A 358 21.86 6.47 1.25
C VAL A 358 22.88 5.34 0.99
N LEU A 359 23.78 5.40 0.01
CA LEU A 359 24.77 4.36 -0.26
C LEU A 359 25.83 4.34 0.84
N ARG A 360 26.24 5.52 1.30
CA ARG A 360 27.25 5.65 2.32
C ARG A 360 26.69 5.12 3.64
N LEU A 361 25.48 5.52 4.03
CA LEU A 361 24.82 4.93 5.18
C LEU A 361 24.81 3.42 5.14
N ARG A 362 24.53 2.66 4.05
CA ARG A 362 24.56 1.21 4.20
C ARG A 362 26.00 0.76 4.30
N GLU A 363 26.84 1.19 3.38
CA GLU A 363 28.23 0.74 3.25
C GLU A 363 29.29 1.14 4.27
N GLU A 364 28.87 1.69 5.40
CA GLU A 364 29.85 2.07 6.40
C GLU A 364 29.20 2.27 7.77
N PHE A 365 27.88 2.49 7.83
CA PHE A 365 27.18 2.57 9.10
C PHE A 365 26.23 1.37 9.22
N GLY A 366 25.95 0.71 8.09
CA GLY A 366 25.03 -0.41 8.07
C GLY A 366 23.61 0.00 8.37
N VAL A 367 23.11 1.15 7.93
CA VAL A 367 21.70 1.39 8.15
C VAL A 367 21.19 1.42 6.72
N TYR A 368 20.14 0.60 6.52
CA TYR A 368 19.55 0.36 5.21
C TYR A 368 18.30 1.18 4.93
N ALA A 369 18.34 2.03 3.93
CA ALA A 369 17.24 2.89 3.56
C ALA A 369 17.05 2.65 2.08
N VAL A 370 15.92 2.97 1.48
CA VAL A 370 15.79 2.77 0.03
C VAL A 370 16.53 3.91 -0.67
N ALA A 371 17.03 3.71 -1.88
CA ALA A 371 17.84 4.70 -2.59
C ALA A 371 17.16 6.01 -2.92
N SER A 372 15.84 6.06 -2.72
CA SER A 372 15.06 7.29 -2.84
C SER A 372 15.17 8.15 -1.57
N GLY A 373 15.71 7.59 -0.49
CA GLY A 373 15.80 8.31 0.76
C GLY A 373 14.62 7.96 1.65
N ARG A 374 13.76 7.01 1.20
CA ARG A 374 12.65 6.46 1.99
C ARG A 374 13.22 5.63 3.14
N VAL A 375 12.85 5.96 4.38
CA VAL A 375 13.34 5.19 5.52
C VAL A 375 12.10 4.67 6.25
N ASN A 376 12.08 3.46 6.79
CA ASN A 376 10.92 3.00 7.52
C ASN A 376 10.97 3.41 8.97
N VAL A 377 10.19 4.39 9.40
CA VAL A 377 10.03 4.81 10.78
C VAL A 377 9.53 3.69 11.67
N ALA A 378 8.69 2.75 11.21
CA ALA A 378 8.26 1.60 12.02
C ALA A 378 9.38 0.62 12.33
N GLY A 379 10.58 0.85 11.78
CA GLY A 379 11.74 0.02 12.04
C GLY A 379 12.68 0.69 13.04
N MET A 380 12.25 1.81 13.61
CA MET A 380 13.02 2.53 14.60
C MET A 380 12.43 2.22 15.95
N THR A 381 13.28 2.07 16.98
CA THR A 381 12.88 1.72 18.35
C THR A 381 13.69 2.62 19.26
N PRO A 382 13.42 2.85 20.56
CA PRO A 382 14.23 3.76 21.37
C PRO A 382 15.68 3.34 21.58
N ASP A 383 15.96 2.07 21.33
CA ASP A 383 17.28 1.50 21.43
C ASP A 383 18.26 1.67 20.29
N ASN A 384 17.67 1.78 19.09
CA ASN A 384 18.41 2.00 17.86
C ASN A 384 18.23 3.43 17.37
N MET A 385 17.45 4.28 18.04
CA MET A 385 17.30 5.65 17.58
C MET A 385 18.58 6.48 17.55
N ALA A 386 19.42 6.34 18.58
CA ALA A 386 20.66 7.11 18.66
C ALA A 386 21.66 6.62 17.63
N PRO A 387 22.04 5.34 17.48
CA PRO A 387 22.98 4.86 16.43
C PRO A 387 22.61 5.46 15.08
N LEU A 388 21.34 5.26 14.77
CA LEU A 388 20.74 5.73 13.54
C LEU A 388 20.85 7.21 13.32
N CYS A 389 20.55 8.07 14.28
CA CYS A 389 20.67 9.51 14.05
C CYS A 389 22.08 10.00 13.97
N GLU A 390 23.01 9.29 14.61
CA GLU A 390 24.43 9.62 14.52
C GLU A 390 24.96 9.30 13.13
N ALA A 391 24.37 8.27 12.53
CA ALA A 391 24.71 7.87 11.19
C ALA A 391 24.18 8.89 10.21
N ILE A 392 22.93 9.35 10.35
CA ILE A 392 22.43 10.30 9.37
C ILE A 392 23.15 11.62 9.46
N VAL A 393 23.43 12.14 10.66
CA VAL A 393 24.08 13.44 10.68
C VAL A 393 25.56 13.49 10.25
N ALA A 394 26.23 12.33 10.16
CA ALA A 394 27.60 12.17 9.65
C ALA A 394 27.65 11.99 8.14
N VAL A 395 26.49 11.91 7.51
CA VAL A 395 26.42 11.74 6.07
C VAL A 395 25.87 13.02 5.41
N LEU A 396 25.16 13.82 6.20
CA LEU A 396 24.64 15.14 5.88
C LEU A 396 25.70 16.17 5.48
#